data_7W1H
#
_entry.id   7W1H
#
_cell.length_a   50.959
_cell.length_b   76.120
_cell.length_c   63.518
_cell.angle_alpha   90.000
_cell.angle_beta   97.040
_cell.angle_gamma   90.000
#
_symmetry.space_group_name_H-M   'P 1 21 1'
#
loop_
_entity.id
_entity.type
_entity.pdbx_description
1 polymer Glycosyltransferase
2 non-polymer "URIDINE-5'-DIPHOSPHATE-GLUCOSE"
3 water water
#
_entity_poly.entity_id   1
_entity_poly.type   'polypeptide(L)'
_entity_poly.pdbx_seq_one_letter_code
;GSHMGTIEISSPSKTHILAFPFPEKGHINPMLHLCNRLASKGFRVTLITTISTYKDVKNKIKCKSKGGLINLESIPDGTD
KNLGMNGYFNQFKNSVTESVAGIIEEYKLGHDFPPPKVLIYDSTMPWMLDVAHGHGILGASLFTQPCCVSVVYYHMLQGT
IDFHREQSSSSKVLLLPCLPPLEDRDLPEFDYFKEDSGFVSNLLLNQFLNIDKIDYVLFNTFEMLESEIANWMSNKWKIL
TIGPTAPTAAAAAAANNYLFETNTEVCMKWLDEREPNSVIYVSFGSIASLTEQQMEEISQALFTTNFNFLWVVREEERTK
LPNCLNNNNNNNNNPSSESFTTAAGKLGLIINWCPQLDVLRHESVACFMTHCGWNSTLEAISSGVPMICVPQWVDQTTNA
KFIQDVWKIGVRVNNNNGENGGLVKKEEIERCIKEVCESEKGKELKRNAMKWKDLSKEAVSEGGSSDTNLEYFASTLLFY
;
_entity_poly.pdbx_strand_id   A
#
loop_
_chem_comp.id
_chem_comp.type
_chem_comp.name
_chem_comp.formula
UPG non-polymer URIDINE-5'-DIPHOSPHATE-GLUCOSE 'C15 H24 N2 O17 P2'
#
# COMPACT_ATOMS: atom_id res chain seq x y z
N HIS A 3 1.71 28.93 44.66
CA HIS A 3 0.74 29.89 45.18
C HIS A 3 0.12 30.80 44.09
N MET A 4 0.83 31.02 42.97
CA MET A 4 0.35 31.97 41.98
C MET A 4 1.12 31.85 40.65
N GLY A 5 0.40 31.64 39.56
CA GLY A 5 1.02 31.59 38.24
C GLY A 5 0.08 30.91 37.26
N THR A 6 0.65 30.49 36.13
CA THR A 6 -0.14 29.95 35.03
C THR A 6 0.40 28.60 34.59
N ILE A 7 -0.52 27.66 34.38
CA ILE A 7 -0.20 26.34 33.86
C ILE A 7 -0.60 26.30 32.40
N GLU A 8 0.27 25.77 31.55
CA GLU A 8 -0.04 25.55 30.14
C GLU A 8 -0.09 24.06 29.86
N ILE A 9 -1.17 23.61 29.24
CA ILE A 9 -1.39 22.19 28.97
C ILE A 9 -1.27 21.95 27.46
N SER A 10 -0.36 21.07 27.07
CA SER A 10 -0.24 20.63 25.70
C SER A 10 -0.87 19.24 25.60
N SER A 11 -1.96 19.15 24.85
CA SER A 11 -2.77 17.95 24.69
C SER A 11 -3.00 17.68 23.22
N PRO A 12 -3.42 16.46 22.86
CA PRO A 12 -3.75 16.21 21.46
C PRO A 12 -4.83 17.13 20.93
N SER A 13 -5.82 17.49 21.78
CA SER A 13 -6.96 18.27 21.31
C SER A 13 -6.56 19.66 20.82
N LYS A 14 -5.45 20.19 21.30
CA LYS A 14 -4.95 21.48 20.83
C LYS A 14 -3.67 21.32 20.00
N THR A 15 -3.46 20.15 19.40
CA THR A 15 -2.34 19.93 18.49
C THR A 15 -2.90 19.59 17.12
N HIS A 16 -2.35 20.23 16.09
CA HIS A 16 -2.91 20.22 14.75
C HIS A 16 -1.89 19.53 13.84
N ILE A 17 -2.31 18.42 13.25
CA ILE A 17 -1.48 17.61 12.36
C ILE A 17 -1.99 17.78 10.94
N LEU A 18 -1.11 18.18 10.01
CA LEU A 18 -1.42 18.22 8.58
C LEU A 18 -0.91 16.95 7.89
N ALA A 19 -1.70 16.44 6.94
CA ALA A 19 -1.37 15.23 6.18
C ALA A 19 -1.56 15.47 4.69
N PHE A 20 -0.57 15.06 3.88
CA PHE A 20 -0.56 15.31 2.43
C PHE A 20 -0.08 14.07 1.69
N PRO A 21 -0.98 13.25 1.19
CA PRO A 21 -0.58 12.05 0.44
C PRO A 21 -0.39 12.33 -1.04
N PHE A 22 0.42 11.49 -1.66
CA PHE A 22 0.48 11.48 -3.11
C PHE A 22 -0.87 11.03 -3.68
N PRO A 23 -1.38 11.70 -4.69
CA PRO A 23 -2.78 11.44 -5.10
C PRO A 23 -2.96 10.16 -5.90
N GLU A 24 -2.79 9.02 -5.22
CA GLU A 24 -3.04 7.70 -5.76
C GLU A 24 -3.45 6.81 -4.60
N LYS A 25 -4.31 5.83 -4.90
CA LYS A 25 -5.06 5.15 -3.84
C LYS A 25 -4.14 4.38 -2.90
N GLY A 26 -3.08 3.77 -3.43
CA GLY A 26 -2.10 3.08 -2.61
C GLY A 26 -1.29 4.00 -1.72
N HIS A 27 -1.32 5.31 -1.97
CA HIS A 27 -0.73 6.28 -1.06
C HIS A 27 -1.78 7.01 -0.23
N ILE A 28 -2.94 7.27 -0.81
CA ILE A 28 -4.03 7.93 -0.07
C ILE A 28 -4.52 7.05 1.07
N ASN A 29 -4.84 5.78 0.76
CA ASN A 29 -5.49 4.92 1.75
C ASN A 29 -4.69 4.74 3.04
N PRO A 30 -3.39 4.41 3.00
CA PRO A 30 -2.67 4.24 4.27
C PRO A 30 -2.55 5.54 5.03
N MET A 31 -2.47 6.67 4.34
CA MET A 31 -2.48 7.97 5.02
C MET A 31 -3.81 8.22 5.74
N LEU A 32 -4.93 7.90 5.07
CA LEU A 32 -6.24 8.11 5.71
C LEU A 32 -6.39 7.26 6.96
N HIS A 33 -6.03 5.97 6.87
CA HIS A 33 -6.06 5.10 8.03
C HIS A 33 -5.25 5.69 9.19
N LEU A 34 -4.05 6.17 8.89
CA LEU A 34 -3.22 6.81 9.91
C LEU A 34 -3.89 8.07 10.47
N CYS A 35 -4.52 8.87 9.61
CA CYS A 35 -5.22 10.05 10.10
C CYS A 35 -6.36 9.66 11.05
N ASN A 36 -7.08 8.58 10.73
CA ASN A 36 -8.16 8.11 11.61
C ASN A 36 -7.65 7.69 12.96
N ARG A 37 -6.55 6.92 12.99
CA ARG A 37 -5.97 6.55 14.28
C ARG A 37 -5.51 7.77 15.06
N LEU A 38 -4.94 8.77 14.38
CA LEU A 38 -4.50 9.99 15.07
C LEU A 38 -5.69 10.81 15.56
N ALA A 39 -6.75 10.92 14.76
CA ALA A 39 -7.92 11.61 15.25
C ALA A 39 -8.51 10.89 16.46
N SER A 40 -8.41 9.56 16.49
CA SER A 40 -8.92 8.79 17.63
C SER A 40 -8.17 9.11 18.90
N LYS A 41 -6.89 9.45 18.81
CA LYS A 41 -6.16 9.88 19.99
C LYS A 41 -6.48 11.31 20.38
N GLY A 42 -7.40 11.95 19.68
CA GLY A 42 -7.80 13.32 20.00
C GLY A 42 -7.13 14.43 19.21
N PHE A 43 -6.26 14.10 18.24
CA PHE A 43 -5.58 15.16 17.53
C PHE A 43 -6.52 15.84 16.55
N ARG A 44 -6.29 17.14 16.30
CA ARG A 44 -6.91 17.81 15.17
C ARG A 44 -6.11 17.47 13.92
N VAL A 45 -6.76 16.83 12.94
CA VAL A 45 -6.07 16.32 11.77
C VAL A 45 -6.71 16.94 10.54
N THR A 46 -5.90 17.60 9.72
CA THR A 46 -6.36 18.15 8.45
C THR A 46 -5.66 17.41 7.32
N LEU A 47 -6.45 16.69 6.52
CA LEU A 47 -5.94 16.02 5.34
C LEU A 47 -6.06 16.93 4.11
N ILE A 48 -4.95 17.10 3.41
CA ILE A 48 -4.86 17.92 2.21
C ILE A 48 -4.81 16.99 1.01
N THR A 49 -5.65 17.25 0.01
CA THR A 49 -5.61 16.38 -1.16
C THR A 49 -6.03 17.15 -2.40
N THR A 50 -5.60 16.65 -3.55
CA THR A 50 -5.92 17.30 -4.82
C THR A 50 -7.41 17.21 -5.11
N ILE A 51 -7.91 18.16 -5.90
CA ILE A 51 -9.36 18.27 -6.11
C ILE A 51 -9.91 17.05 -6.82
N SER A 52 -9.17 16.51 -7.79
CA SER A 52 -9.65 15.30 -8.49
C SER A 52 -9.59 14.05 -7.62
N THR A 53 -8.95 14.09 -6.45
CA THR A 53 -9.09 13.03 -5.47
C THR A 53 -9.95 13.46 -4.29
N TYR A 54 -10.32 14.73 -4.21
CA TYR A 54 -11.09 15.23 -3.07
C TYR A 54 -12.44 14.53 -2.97
N LYS A 55 -13.10 14.29 -4.09
CA LYS A 55 -14.40 13.62 -4.06
C LYS A 55 -14.27 12.21 -3.50
N ASP A 56 -13.30 11.45 -4.00
CA ASP A 56 -13.04 10.10 -3.48
C ASP A 56 -12.80 10.12 -1.98
N VAL A 57 -11.88 10.98 -1.52
CA VAL A 57 -11.60 11.05 -0.09
C VAL A 57 -12.83 11.52 0.68
N LYS A 58 -13.58 12.48 0.12
CA LYS A 58 -14.76 12.99 0.81
C LYS A 58 -15.75 11.86 1.12
N ASN A 59 -15.95 10.94 0.17
CA ASN A 59 -16.91 9.86 0.37
C ASN A 59 -16.41 8.78 1.32
N LYS A 60 -15.11 8.51 1.31
CA LYS A 60 -14.58 7.46 2.19
C LYS A 60 -14.68 7.87 3.65
N ILE A 61 -14.18 9.06 3.98
CA ILE A 61 -14.27 9.58 5.35
C ILE A 61 -15.71 9.91 5.64
N ILE A 70 -12.06 14.28 10.91
CA ILE A 70 -10.96 14.69 10.04
C ILE A 70 -11.36 15.91 9.21
N ASN A 71 -10.54 16.95 9.27
CA ASN A 71 -10.72 18.12 8.42
C ASN A 71 -10.13 17.84 7.04
N LEU A 72 -10.83 18.27 5.99
CA LEU A 72 -10.42 18.00 4.62
C LEU A 72 -10.22 19.32 3.88
N GLU A 73 -9.13 19.40 3.14
CA GLU A 73 -8.78 20.58 2.37
C GLU A 73 -8.36 20.15 0.97
N SER A 74 -8.87 20.84 -0.03
CA SER A 74 -8.49 20.56 -1.41
C SER A 74 -7.42 21.52 -1.88
N ILE A 75 -6.58 21.06 -2.81
CA ILE A 75 -5.65 21.91 -3.55
C ILE A 75 -5.81 21.59 -5.03
N PRO A 76 -5.42 22.50 -5.92
CA PRO A 76 -5.50 22.21 -7.36
C PRO A 76 -4.68 20.99 -7.71
N ASP A 77 -5.16 20.24 -8.72
CA ASP A 77 -4.42 19.08 -9.22
C ASP A 77 -3.01 19.45 -9.66
N GLY A 78 -2.83 20.68 -10.14
CA GLY A 78 -1.53 21.18 -10.51
C GLY A 78 -0.98 20.71 -11.83
N THR A 79 -1.79 20.05 -12.67
CA THR A 79 -1.26 19.39 -13.83
C THR A 79 -2.20 19.56 -15.01
N ASP A 80 -1.61 19.66 -16.21
CA ASP A 80 -2.35 19.84 -17.44
C ASP A 80 -2.43 18.53 -18.23
N LEU A 83 0.36 14.88 -21.51
CA LEU A 83 1.54 15.15 -20.68
C LEU A 83 2.12 13.86 -20.10
N GLY A 84 3.39 13.60 -20.41
CA GLY A 84 4.06 12.41 -19.92
C GLY A 84 4.42 12.50 -18.45
N MET A 85 5.01 11.40 -17.95
CA MET A 85 5.20 11.24 -16.51
C MET A 85 6.07 12.34 -15.93
N ASN A 86 7.09 12.78 -16.67
CA ASN A 86 8.01 13.78 -16.15
C ASN A 86 7.36 15.15 -16.08
N GLY A 87 6.76 15.59 -17.20
CA GLY A 87 6.11 16.89 -17.21
C GLY A 87 4.96 16.95 -16.22
N TYR A 88 4.17 15.87 -16.15
CA TYR A 88 3.15 15.76 -15.12
C TYR A 88 3.75 15.98 -13.75
N PHE A 89 4.91 15.37 -13.49
CA PHE A 89 5.39 15.34 -12.12
C PHE A 89 6.08 16.64 -11.72
N ASN A 90 6.76 17.30 -12.66
CA ASN A 90 7.41 18.55 -12.32
C ASN A 90 6.38 19.67 -12.12
N GLN A 91 5.36 19.73 -12.98
CA GLN A 91 4.25 20.65 -12.70
C GLN A 91 3.65 20.37 -11.32
N PHE A 92 3.35 19.10 -11.07
CA PHE A 92 2.80 18.70 -9.78
C PHE A 92 3.64 19.23 -8.63
N LYS A 93 4.93 18.90 -8.64
CA LYS A 93 5.82 19.32 -7.56
C LYS A 93 5.76 20.83 -7.34
N ASN A 94 5.88 21.60 -8.43
CA ASN A 94 5.88 23.06 -8.31
C ASN A 94 4.55 23.56 -7.76
N SER A 95 3.45 22.97 -8.22
CA SER A 95 2.14 23.46 -7.84
C SER A 95 1.84 23.16 -6.37
N VAL A 96 2.02 21.90 -5.94
CA VAL A 96 1.69 21.54 -4.57
C VAL A 96 2.69 22.11 -3.57
N THR A 97 3.91 22.44 -4.00
CA THR A 97 4.83 23.10 -3.10
C THR A 97 4.28 24.45 -2.64
N GLU A 98 3.68 25.21 -3.56
CA GLU A 98 3.13 26.51 -3.22
C GLU A 98 1.78 26.39 -2.51
N SER A 99 0.91 25.50 -2.97
CA SER A 99 -0.42 25.42 -2.39
C SER A 99 -0.39 24.86 -0.97
N VAL A 100 0.49 23.91 -0.68
CA VAL A 100 0.56 23.41 0.69
C VAL A 100 1.20 24.44 1.61
N ALA A 101 2.22 25.16 1.13
CA ALA A 101 2.77 26.26 1.91
C ALA A 101 1.71 27.30 2.23
N GLY A 102 0.82 27.58 1.28
CA GLY A 102 -0.25 28.51 1.54
C GLY A 102 -1.17 28.02 2.64
N ILE A 103 -1.52 26.73 2.60
CA ILE A 103 -2.37 26.14 3.62
C ILE A 103 -1.71 26.22 5.00
N ILE A 104 -0.41 25.92 5.05
CA ILE A 104 0.32 26.01 6.32
C ILE A 104 0.24 27.43 6.87
N GLU A 105 0.43 28.44 6.01
CA GLU A 105 0.48 29.81 6.50
C GLU A 105 -0.89 30.31 6.91
N GLU A 106 -1.94 29.89 6.20
CA GLU A 106 -3.29 30.28 6.58
C GLU A 106 -3.66 29.69 7.93
N TYR A 107 -3.31 28.41 8.16
CA TYR A 107 -3.60 27.79 9.45
C TYR A 107 -2.73 28.36 10.56
N LYS A 108 -1.58 28.95 10.23
CA LYS A 108 -0.82 29.67 11.25
C LYS A 108 -1.55 30.90 11.72
N LEU A 109 -2.09 31.70 10.79
CA LEU A 109 -2.75 32.96 11.11
C LEU A 109 -4.19 32.78 11.58
N GLY A 110 -4.73 31.57 11.53
CA GLY A 110 -6.10 31.35 11.92
C GLY A 110 -6.28 31.44 13.43
N HIS A 111 -7.51 31.18 13.85
CA HIS A 111 -7.85 31.15 15.28
C HIS A 111 -8.79 30.03 15.66
N ASP A 112 -9.56 29.46 14.73
CA ASP A 112 -10.39 28.30 15.04
C ASP A 112 -9.54 27.09 15.38
N PHE A 113 -8.69 26.67 14.45
CA PHE A 113 -7.77 25.57 14.65
C PHE A 113 -6.52 26.01 15.40
N PRO A 114 -5.75 25.07 15.92
CA PRO A 114 -4.37 25.39 16.34
C PRO A 114 -3.48 25.55 15.12
N PRO A 115 -2.34 26.24 15.26
CA PRO A 115 -1.39 26.26 14.15
C PRO A 115 -0.80 24.88 13.94
N PRO A 116 -0.38 24.56 12.72
CA PRO A 116 0.09 23.19 12.46
C PRO A 116 1.38 22.91 13.23
N LYS A 117 1.44 21.73 13.85
CA LYS A 117 2.65 21.31 14.51
C LYS A 117 3.55 20.49 13.58
N VAL A 118 2.99 19.71 12.66
CA VAL A 118 3.76 18.78 11.84
C VAL A 118 3.03 18.59 10.53
N LEU A 119 3.79 18.37 9.46
CA LEU A 119 3.24 17.92 8.19
C LEU A 119 3.65 16.47 8.00
N ILE A 120 2.67 15.57 7.90
CA ILE A 120 2.89 14.21 7.46
C ILE A 120 2.74 14.23 5.94
N TYR A 121 3.83 13.94 5.22
CA TYR A 121 3.83 13.96 3.76
C TYR A 121 4.32 12.60 3.23
N ASP A 122 3.91 12.28 2.01
CA ASP A 122 4.28 11.01 1.38
C ASP A 122 5.77 10.95 1.13
N SER A 123 6.38 9.79 1.45
CA SER A 123 7.84 9.67 1.35
C SER A 123 8.37 9.97 -0.07
N THR A 124 7.57 9.74 -1.11
CA THR A 124 8.03 10.04 -2.46
C THR A 124 8.02 11.53 -2.78
N MET A 125 7.62 12.38 -1.84
CA MET A 125 7.65 13.83 -2.01
C MET A 125 8.64 14.45 -1.02
N PRO A 126 9.94 14.11 -1.10
CA PRO A 126 10.89 14.59 -0.08
C PRO A 126 11.05 16.10 -0.02
N TRP A 127 10.81 16.81 -1.11
CA TRP A 127 10.91 18.26 -1.05
C TRP A 127 9.90 18.86 -0.10
N MET A 128 8.87 18.09 0.28
CA MET A 128 7.88 18.62 1.22
C MET A 128 8.48 18.83 2.60
N LEU A 129 9.62 18.18 2.89
CA LEU A 129 10.34 18.46 4.13
C LEU A 129 10.83 19.90 4.17
N ASP A 130 11.34 20.39 3.05
CA ASP A 130 11.78 21.79 2.99
C ASP A 130 10.60 22.73 3.11
N VAL A 131 9.43 22.34 2.59
CA VAL A 131 8.24 23.17 2.82
C VAL A 131 7.92 23.24 4.31
N ALA A 132 7.87 22.09 4.98
CA ALA A 132 7.55 22.08 6.41
C ALA A 132 8.58 22.87 7.21
N HIS A 133 9.86 22.53 7.06
CA HIS A 133 10.91 23.21 7.82
C HIS A 133 11.01 24.69 7.43
N GLY A 134 10.79 25.02 6.16
CA GLY A 134 10.84 26.41 5.74
C GLY A 134 9.71 27.26 6.33
N HIS A 135 8.63 26.63 6.77
CA HIS A 135 7.54 27.31 7.45
C HIS A 135 7.49 27.02 8.94
N GLY A 136 8.60 26.52 9.50
CA GLY A 136 8.73 26.40 10.94
C GLY A 136 7.99 25.26 11.60
N ILE A 137 7.62 24.20 10.87
CA ILE A 137 6.92 23.08 11.47
C ILE A 137 7.71 21.80 11.19
N LEU A 138 7.38 20.75 11.93
CA LEU A 138 8.10 19.50 11.76
C LEU A 138 7.61 18.75 10.51
N GLY A 139 8.47 17.88 9.97
CA GLY A 139 8.05 17.03 8.87
C GLY A 139 8.12 15.54 9.20
N ALA A 140 7.06 14.79 8.87
CA ALA A 140 7.05 13.33 9.03
C ALA A 140 6.82 12.67 7.68
N SER A 141 7.77 11.83 7.27
CA SER A 141 7.70 11.16 5.99
C SER A 141 7.06 9.79 6.18
N LEU A 142 5.91 9.57 5.53
CA LEU A 142 5.22 8.29 5.56
C LEU A 142 5.68 7.45 4.37
N PHE A 143 6.38 6.35 4.66
CA PHE A 143 6.71 5.37 3.64
C PHE A 143 5.52 4.44 3.48
N THR A 144 5.07 4.24 2.24
CA THR A 144 3.92 3.40 1.95
C THR A 144 4.32 2.03 1.38
N GLN A 145 5.60 1.69 1.45
CA GLN A 145 6.11 0.39 1.03
C GLN A 145 6.89 -0.23 2.18
N PRO A 146 7.12 -1.55 2.15
CA PRO A 146 7.74 -2.20 3.31
C PRO A 146 9.18 -1.77 3.51
N CYS A 147 9.72 -2.15 4.66
CA CYS A 147 11.12 -1.86 4.96
C CYS A 147 12.06 -2.55 3.96
N CYS A 148 11.77 -3.81 3.62
CA CYS A 148 12.72 -4.60 2.83
C CYS A 148 12.94 -4.00 1.44
N VAL A 149 11.87 -3.62 0.75
CA VAL A 149 12.08 -3.03 -0.57
C VAL A 149 12.63 -1.61 -0.46
N SER A 150 12.31 -0.89 0.63
CA SER A 150 12.81 0.48 0.76
C SER A 150 14.33 0.49 0.94
N VAL A 151 14.87 -0.45 1.70
CA VAL A 151 16.32 -0.58 1.86
C VAL A 151 16.98 -0.82 0.53
N VAL A 152 16.38 -1.64 -0.32
CA VAL A 152 16.92 -1.83 -1.68
C VAL A 152 17.04 -0.48 -2.38
N TYR A 153 15.98 0.35 -2.29
CA TYR A 153 16.05 1.66 -2.94
C TYR A 153 17.20 2.50 -2.39
N TYR A 154 17.44 2.43 -1.08
CA TYR A 154 18.55 3.16 -0.49
C TYR A 154 19.89 2.71 -1.08
N HIS A 155 20.11 1.39 -1.15
CA HIS A 155 21.35 0.88 -1.70
C HIS A 155 21.51 1.26 -3.16
N MET A 156 20.42 1.24 -3.93
CA MET A 156 20.51 1.70 -5.31
C MET A 156 20.90 3.17 -5.37
N LEU A 157 20.37 3.97 -4.45
CA LEU A 157 20.75 5.37 -4.40
C LEU A 157 22.23 5.53 -4.09
N GLN A 158 22.74 4.74 -3.13
CA GLN A 158 24.14 4.85 -2.72
C GLN A 158 25.09 4.47 -3.84
N GLY A 159 24.60 3.88 -4.93
CA GLY A 159 25.42 3.67 -6.11
C GLY A 159 26.61 2.79 -5.83
N THR A 160 26.45 1.85 -4.90
CA THR A 160 27.53 1.01 -4.41
C THR A 160 27.59 -0.29 -5.21
N ILE A 161 26.72 -1.25 -4.87
CA ILE A 161 26.60 -2.45 -5.68
C ILE A 161 26.01 -2.07 -7.03
N ASP A 162 26.45 -2.78 -8.08
CA ASP A 162 25.89 -2.56 -9.42
C ASP A 162 24.55 -3.26 -9.52
N PHE A 163 23.49 -2.49 -9.76
CA PHE A 163 22.15 -3.05 -9.92
C PHE A 163 21.73 -3.18 -11.38
N HIS A 164 22.57 -2.80 -12.33
CA HIS A 164 22.23 -2.99 -13.73
C HIS A 164 22.03 -4.46 -14.03
N ARG A 165 20.89 -4.78 -14.64
CA ARG A 165 20.56 -6.15 -15.03
C ARG A 165 20.66 -6.32 -16.55
N SER A 168 21.61 -10.65 -20.21
CA SER A 168 20.96 -11.92 -20.50
C SER A 168 21.96 -13.02 -20.82
N SER A 169 23.23 -12.81 -20.43
CA SER A 169 24.25 -13.84 -20.54
C SER A 169 24.53 -14.55 -19.21
N SER A 170 23.85 -14.17 -18.13
CA SER A 170 23.97 -14.87 -16.86
C SER A 170 22.82 -14.45 -15.95
N SER A 171 22.70 -15.14 -14.82
CA SER A 171 21.78 -14.76 -13.76
C SER A 171 22.58 -14.24 -12.59
N LYS A 172 22.10 -13.18 -11.98
CA LYS A 172 22.77 -12.56 -10.85
C LYS A 172 21.92 -12.70 -9.61
N VAL A 173 22.57 -12.91 -8.47
CA VAL A 173 21.92 -12.93 -7.18
C VAL A 173 22.61 -11.89 -6.31
N LEU A 174 21.82 -11.08 -5.65
CA LEU A 174 22.31 -9.96 -4.88
C LEU A 174 22.16 -10.22 -3.38
N LEU A 175 23.23 -9.96 -2.64
CA LEU A 175 23.26 -10.12 -1.19
C LEU A 175 23.43 -8.74 -0.58
N LEU A 176 22.44 -8.32 0.19
CA LEU A 176 22.46 -7.08 0.93
C LEU A 176 22.28 -7.38 2.42
N PRO A 177 22.85 -6.57 3.30
CA PRO A 177 22.76 -6.85 4.74
C PRO A 177 21.32 -7.02 5.19
N CYS A 178 21.06 -8.10 5.93
CA CYS A 178 19.79 -8.33 6.61
C CYS A 178 18.64 -8.61 5.65
N LEU A 179 18.93 -8.98 4.42
CA LEU A 179 17.93 -9.36 3.43
C LEU A 179 18.25 -10.75 2.92
N PRO A 180 17.25 -11.56 2.58
CA PRO A 180 17.54 -12.84 1.93
C PRO A 180 18.15 -12.58 0.56
N PRO A 181 18.89 -13.53 -0.01
CA PRO A 181 19.44 -13.32 -1.35
C PRO A 181 18.31 -13.00 -2.32
N LEU A 182 18.56 -12.04 -3.21
CA LEU A 182 17.55 -11.59 -4.15
C LEU A 182 17.96 -11.97 -5.58
N GLU A 183 17.18 -12.81 -6.23
CA GLU A 183 17.36 -13.05 -7.65
C GLU A 183 17.00 -11.79 -8.44
N ASP A 184 17.39 -11.79 -9.72
CA ASP A 184 17.06 -10.68 -10.61
C ASP A 184 15.56 -10.42 -10.65
N ARG A 185 14.74 -11.47 -10.73
CA ARG A 185 13.28 -11.29 -10.72
C ARG A 185 12.75 -10.76 -9.39
N ASP A 186 13.57 -10.73 -8.33
CA ASP A 186 13.12 -10.30 -7.02
C ASP A 186 13.32 -8.82 -6.79
N LEU A 187 14.08 -8.18 -7.64
CA LEU A 187 14.39 -6.77 -7.50
C LEU A 187 13.18 -5.94 -7.92
N PRO A 188 13.01 -4.76 -7.33
CA PRO A 188 11.90 -3.89 -7.77
C PRO A 188 11.99 -3.64 -9.25
N GLU A 189 10.84 -3.65 -9.92
CA GLU A 189 10.78 -3.74 -11.38
C GLU A 189 10.56 -2.35 -11.97
N PHE A 190 11.59 -1.81 -12.64
CA PHE A 190 11.48 -0.51 -13.30
C PHE A 190 11.48 -0.59 -14.81
N ASP A 191 12.19 -1.56 -15.41
CA ASP A 191 12.33 -1.58 -16.86
C ASP A 191 11.01 -1.75 -17.59
N TYR A 192 9.96 -2.25 -16.90
CA TYR A 192 8.60 -2.23 -17.46
C TYR A 192 8.26 -0.87 -18.04
N PHE A 193 8.73 0.20 -17.39
CA PHE A 193 8.39 1.55 -17.81
C PHE A 193 9.24 2.06 -18.98
N LYS A 194 10.18 1.26 -19.46
CA LYS A 194 10.91 1.53 -20.72
C LYS A 194 11.66 2.85 -20.58
N GLU A 195 11.37 3.89 -21.37
CA GLU A 195 12.14 5.14 -21.29
C GLU A 195 11.85 5.94 -20.03
N ASP A 196 10.81 5.60 -19.28
CA ASP A 196 10.52 6.23 -18.00
C ASP A 196 11.09 5.47 -16.82
N SER A 197 11.83 4.38 -17.06
CA SER A 197 12.37 3.62 -15.94
C SER A 197 13.28 4.49 -15.09
N GLY A 198 14.00 5.42 -15.71
CA GLY A 198 14.80 6.35 -14.94
C GLY A 198 13.97 7.23 -14.02
N PHE A 199 12.87 7.77 -14.54
CA PHE A 199 12.02 8.63 -13.71
C PHE A 199 11.45 7.88 -12.51
N VAL A 200 10.84 6.71 -12.76
CA VAL A 200 10.22 5.95 -11.67
C VAL A 200 11.27 5.48 -10.69
N SER A 201 12.40 5.01 -11.22
CA SER A 201 13.54 4.66 -10.38
C SER A 201 13.95 5.84 -9.49
N ASN A 202 14.21 7.01 -10.10
CA ASN A 202 14.58 8.19 -9.33
C ASN A 202 13.56 8.52 -8.25
N LEU A 203 12.27 8.32 -8.57
CA LEU A 203 11.22 8.67 -7.63
C LEU A 203 11.36 7.89 -6.33
N LEU A 204 11.62 6.58 -6.42
CA LEU A 204 11.71 5.72 -5.24
C LEU A 204 13.05 5.87 -4.54
N LEU A 205 14.13 6.03 -5.32
CA LEU A 205 15.45 6.23 -4.73
C LEU A 205 15.51 7.51 -3.91
N ASN A 206 14.92 8.58 -4.43
CA ASN A 206 15.04 9.90 -3.81
C ASN A 206 14.27 10.04 -2.52
N GLN A 207 13.47 9.03 -2.15
CA GLN A 207 12.90 8.99 -0.81
C GLN A 207 13.98 9.15 0.25
N PHE A 208 15.21 8.73 -0.05
CA PHE A 208 16.29 8.76 0.93
C PHE A 208 17.20 9.98 0.82
N LEU A 209 16.93 10.89 -0.13
CA LEU A 209 17.85 12.01 -0.34
C LEU A 209 18.06 12.81 0.94
N ASN A 210 17.04 12.93 1.79
CA ASN A 210 17.17 13.76 2.97
C ASN A 210 16.81 12.99 4.24
N ILE A 211 17.01 11.67 4.24
CA ILE A 211 16.55 10.80 5.32
C ILE A 211 17.03 11.26 6.69
N ASP A 212 18.24 11.82 6.78
CA ASP A 212 18.80 12.23 8.06
C ASP A 212 18.18 13.51 8.62
N LYS A 213 17.52 14.31 7.77
CA LYS A 213 16.91 15.56 8.21
C LYS A 213 15.43 15.42 8.55
N ILE A 214 14.80 14.29 8.23
CA ILE A 214 13.38 14.07 8.51
C ILE A 214 13.16 13.96 10.02
N ASP A 215 12.14 14.65 10.54
CA ASP A 215 11.89 14.58 11.98
C ASP A 215 11.30 13.23 12.38
N TYR A 216 10.36 12.70 11.62
CA TYR A 216 9.84 11.36 11.87
C TYR A 216 9.79 10.55 10.58
N VAL A 217 10.40 9.36 10.59
CA VAL A 217 10.38 8.44 9.46
C VAL A 217 9.37 7.34 9.79
N LEU A 218 8.22 7.37 9.12
CA LEU A 218 7.12 6.44 9.41
C LEU A 218 7.06 5.35 8.36
N PHE A 219 6.94 4.09 8.79
CA PHE A 219 6.79 2.96 7.89
C PHE A 219 5.52 2.21 8.22
N ASN A 220 4.67 1.99 7.19
CA ASN A 220 3.44 1.23 7.34
C ASN A 220 3.75 -0.27 7.29
N THR A 221 4.35 -0.75 8.37
CA THR A 221 4.68 -2.16 8.51
C THR A 221 4.77 -2.45 10.00
N PHE A 222 4.93 -3.72 10.37
CA PHE A 222 5.11 -4.03 11.78
C PHE A 222 6.38 -4.85 12.01
N GLU A 223 7.02 -4.58 13.16
CA GLU A 223 8.41 -5.00 13.36
C GLU A 223 8.58 -6.52 13.24
N MET A 224 7.64 -7.31 13.76
CA MET A 224 7.79 -8.77 13.72
C MET A 224 7.78 -9.28 12.28
N LEU A 225 7.12 -8.57 11.37
CA LEU A 225 7.07 -8.99 9.98
C LEU A 225 8.42 -8.82 9.32
N GLU A 226 9.17 -7.79 9.69
CA GLU A 226 10.43 -7.42 9.03
C GLU A 226 11.52 -7.15 10.06
N SER A 227 11.67 -8.10 11.00
CA SER A 227 12.48 -7.87 12.19
C SER A 227 13.91 -7.49 11.85
N GLU A 228 14.60 -8.35 11.09
CA GLU A 228 16.02 -8.14 10.81
C GLU A 228 16.26 -6.80 10.11
N ILE A 229 15.47 -6.52 9.07
CA ILE A 229 15.77 -5.32 8.30
C ILE A 229 15.30 -4.07 9.04
N ALA A 230 14.20 -4.16 9.81
CA ALA A 230 13.72 -3.01 10.58
C ALA A 230 14.73 -2.60 11.65
N ASN A 231 15.29 -3.58 12.37
CA ASN A 231 16.36 -3.28 13.32
C ASN A 231 17.55 -2.62 12.64
N TRP A 232 17.97 -3.16 11.49
CA TRP A 232 19.06 -2.53 10.73
C TRP A 232 18.75 -1.07 10.42
N MET A 233 17.57 -0.81 9.86
CA MET A 233 17.17 0.57 9.59
C MET A 233 17.03 1.39 10.87
N SER A 234 16.50 0.79 11.94
CA SER A 234 16.34 1.49 13.22
C SER A 234 17.68 1.95 13.78
N ASN A 235 18.74 1.18 13.55
CA ASN A 235 20.08 1.58 14.00
C ASN A 235 20.66 2.70 13.14
N LYS A 236 20.34 2.73 11.85
CA LYS A 236 20.85 3.80 10.98
C LYS A 236 20.04 5.08 11.15
N TRP A 237 18.72 4.96 11.10
CA TRP A 237 17.79 6.06 11.23
C TRP A 237 16.81 5.69 12.34
N LYS A 238 16.14 6.67 12.95
CA LYS A 238 15.19 6.33 14.03
C LYS A 238 13.81 6.09 13.43
N ILE A 239 13.70 4.99 12.69
CA ILE A 239 12.45 4.77 11.96
C ILE A 239 11.42 4.24 12.94
N LEU A 240 10.15 4.56 12.68
CA LEU A 240 9.02 4.16 13.51
C LEU A 240 8.13 3.28 12.65
N THR A 241 8.08 1.99 12.97
CA THR A 241 7.15 1.09 12.30
C THR A 241 5.81 1.22 13.00
N ILE A 242 4.77 1.58 12.26
CA ILE A 242 3.50 1.97 12.87
C ILE A 242 2.35 1.25 12.18
N GLY A 243 2.66 0.18 11.44
CA GLY A 243 1.64 -0.51 10.68
C GLY A 243 1.14 -1.82 11.26
N PRO A 244 0.05 -2.35 10.69
CA PRO A 244 -0.73 -1.77 9.59
C PRO A 244 -1.55 -0.58 10.06
N THR A 245 -1.65 0.47 9.25
CA THR A 245 -2.46 1.59 9.70
C THR A 245 -3.94 1.29 9.57
N ALA A 246 -4.33 0.39 8.66
CA ALA A 246 -5.73 -0.02 8.54
C ALA A 246 -6.23 -0.60 9.87
N PRO A 247 -7.52 -0.46 10.18
CA PRO A 247 -8.00 -1.01 11.47
C PRO A 247 -8.06 -2.54 11.45
N THR A 248 -7.95 -3.12 12.65
CA THR A 248 -8.14 -4.56 12.78
C THR A 248 -9.62 -4.90 12.71
N ALA A 249 -9.95 -6.18 12.85
CA ALA A 249 -11.36 -6.54 13.03
C ALA A 249 -11.81 -6.26 14.47
N TYR A 258 -13.61 5.98 9.89
CA TYR A 258 -13.49 4.78 9.07
C TYR A 258 -13.51 5.10 7.56
N LEU A 259 -13.28 4.08 6.71
CA LEU A 259 -13.15 4.25 5.27
C LEU A 259 -14.21 3.39 4.56
N PHE A 260 -15.20 4.05 3.96
CA PHE A 260 -16.32 3.37 3.29
C PHE A 260 -16.09 3.38 1.78
N GLU A 261 -15.81 2.21 1.22
CA GLU A 261 -15.51 2.08 -0.20
C GLU A 261 -16.79 1.94 -1.02
N THR A 262 -16.66 2.16 -2.32
CA THR A 262 -17.82 2.04 -3.18
C THR A 262 -18.16 0.57 -3.43
N ASN A 263 -19.41 0.32 -3.84
CA ASN A 263 -19.93 -1.03 -4.08
C ASN A 263 -19.97 -1.88 -2.82
N THR A 264 -19.95 -1.26 -1.64
CA THR A 264 -19.85 -2.02 -0.40
C THR A 264 -21.05 -2.94 -0.21
N GLU A 265 -22.25 -2.39 -0.27
CA GLU A 265 -23.44 -3.21 -0.03
C GLU A 265 -23.54 -4.32 -1.08
N VAL A 266 -23.23 -4.01 -2.33
CA VAL A 266 -23.38 -5.01 -3.38
C VAL A 266 -22.41 -6.17 -3.14
N CYS A 267 -21.16 -5.86 -2.77
CA CYS A 267 -20.15 -6.90 -2.61
C CYS A 267 -20.42 -7.77 -1.38
N MET A 268 -20.85 -7.15 -0.28
CA MET A 268 -21.04 -7.90 0.96
C MET A 268 -22.23 -8.84 0.83
N LYS A 269 -23.29 -8.36 0.16
CA LYS A 269 -24.46 -9.20 -0.07
C LYS A 269 -24.09 -10.41 -0.93
N TRP A 270 -23.34 -10.21 -2.01
CA TRP A 270 -22.93 -11.35 -2.84
C TRP A 270 -22.08 -12.33 -2.03
N LEU A 271 -21.15 -11.82 -1.23
CA LEU A 271 -20.29 -12.70 -0.44
C LEU A 271 -21.07 -13.41 0.65
N ASP A 272 -22.01 -12.69 1.32
CA ASP A 272 -22.83 -13.31 2.36
C ASP A 272 -23.60 -14.52 1.84
N GLU A 273 -23.85 -14.60 0.54
CA GLU A 273 -24.59 -15.71 -0.03
C GLU A 273 -23.69 -16.82 -0.55
N ARG A 274 -22.38 -16.72 -0.37
CA ARG A 274 -21.44 -17.74 -0.80
C ARG A 274 -21.09 -18.68 0.35
N GLU A 275 -20.58 -19.85 0.00
CA GLU A 275 -20.14 -20.82 0.99
C GLU A 275 -18.87 -20.32 1.67
N PRO A 276 -18.60 -20.75 2.91
CA PRO A 276 -17.35 -20.35 3.56
C PRO A 276 -16.16 -20.85 2.78
N ASN A 277 -15.12 -20.04 2.70
CA ASN A 277 -13.84 -20.48 2.14
C ASN A 277 -14.01 -20.99 0.71
N SER A 278 -14.83 -20.28 -0.08
CA SER A 278 -15.16 -20.76 -1.42
C SER A 278 -14.85 -19.75 -2.53
N VAL A 279 -14.39 -18.55 -2.19
CA VAL A 279 -14.28 -17.46 -3.15
C VAL A 279 -12.81 -17.08 -3.35
N ILE A 280 -12.36 -17.09 -4.60
CA ILE A 280 -11.08 -16.48 -4.95
C ILE A 280 -11.33 -15.01 -5.24
N TYR A 281 -10.70 -14.13 -4.45
CA TYR A 281 -10.77 -12.68 -4.66
C TYR A 281 -9.60 -12.26 -5.55
N VAL A 282 -9.90 -11.56 -6.64
CA VAL A 282 -8.93 -11.20 -7.67
C VAL A 282 -8.93 -9.68 -7.79
N SER A 283 -7.76 -9.07 -7.58
CA SER A 283 -7.61 -7.64 -7.81
C SER A 283 -6.17 -7.32 -8.18
N PHE A 284 -6.00 -6.46 -9.18
CA PHE A 284 -4.66 -6.01 -9.59
C PHE A 284 -4.43 -4.55 -9.21
N GLY A 285 -5.15 -4.08 -8.20
CA GLY A 285 -4.91 -2.75 -7.65
C GLY A 285 -5.53 -1.66 -8.50
N SER A 286 -5.06 -0.43 -8.24
CA SER A 286 -5.71 0.75 -8.80
C SER A 286 -5.01 1.30 -10.03
N ILE A 287 -3.83 0.79 -10.39
CA ILE A 287 -3.01 1.40 -11.43
C ILE A 287 -2.65 0.39 -12.51
N ALA A 288 -2.26 -0.83 -12.10
CA ALA A 288 -1.80 -1.82 -13.07
C ALA A 288 -2.86 -2.05 -14.14
N SER A 289 -2.39 -2.32 -15.36
CA SER A 289 -3.28 -2.60 -16.48
C SER A 289 -2.69 -3.76 -17.26
N LEU A 290 -3.37 -4.91 -17.25
CA LEU A 290 -2.86 -6.09 -17.92
C LEU A 290 -3.25 -6.07 -19.39
N THR A 291 -2.47 -6.77 -20.21
CA THR A 291 -2.79 -6.87 -21.63
C THR A 291 -4.05 -7.70 -21.82
N GLU A 292 -4.68 -7.54 -22.99
CA GLU A 292 -5.91 -8.27 -23.21
C GLU A 292 -5.66 -9.78 -23.31
N GLN A 293 -4.48 -10.19 -23.78
CA GLN A 293 -4.11 -11.62 -23.74
C GLN A 293 -3.96 -12.11 -22.31
N GLN A 294 -3.40 -11.28 -21.42
CA GLN A 294 -3.27 -11.67 -20.01
C GLN A 294 -4.62 -11.80 -19.33
N MET A 295 -5.55 -10.87 -19.60
CA MET A 295 -6.92 -11.01 -19.10
C MET A 295 -7.59 -12.29 -19.58
N GLU A 296 -7.30 -12.70 -20.82
CA GLU A 296 -7.88 -13.93 -21.34
C GLU A 296 -7.38 -15.14 -20.56
N GLU A 297 -6.08 -15.20 -20.25
CA GLU A 297 -5.59 -16.33 -19.46
C GLU A 297 -6.29 -16.37 -18.11
N ILE A 298 -6.47 -15.21 -17.47
CA ILE A 298 -7.06 -15.16 -16.15
C ILE A 298 -8.52 -15.58 -16.21
N SER A 299 -9.26 -15.05 -17.19
CA SER A 299 -10.66 -15.42 -17.43
C SER A 299 -10.82 -16.92 -17.49
N GLN A 300 -10.08 -17.57 -18.39
CA GLN A 300 -10.27 -19.00 -18.60
C GLN A 300 -9.92 -19.80 -17.36
N ALA A 301 -8.91 -19.36 -16.61
CA ALA A 301 -8.60 -20.01 -15.34
C ALA A 301 -9.77 -19.86 -14.36
N LEU A 302 -10.29 -18.65 -14.20
CA LEU A 302 -11.35 -18.43 -13.22
C LEU A 302 -12.66 -19.05 -13.67
N PHE A 303 -12.91 -19.17 -14.96
CA PHE A 303 -14.20 -19.73 -15.34
C PHE A 303 -14.23 -21.26 -15.29
N THR A 304 -13.10 -21.91 -14.95
CA THR A 304 -13.01 -23.38 -14.94
C THR A 304 -12.48 -23.94 -13.62
N THR A 305 -12.16 -23.09 -12.65
CA THR A 305 -11.72 -23.57 -11.36
C THR A 305 -12.91 -23.99 -10.50
N ASN A 306 -12.63 -24.74 -9.43
CA ASN A 306 -13.66 -25.25 -8.51
C ASN A 306 -14.04 -24.25 -7.43
N PHE A 307 -14.08 -22.96 -7.74
CA PHE A 307 -14.34 -21.94 -6.73
C PHE A 307 -15.19 -20.85 -7.35
N ASN A 308 -15.95 -20.17 -6.50
CA ASN A 308 -16.54 -18.89 -6.88
C ASN A 308 -15.44 -17.85 -6.99
N PHE A 309 -15.76 -16.73 -7.65
CA PHE A 309 -14.73 -15.71 -7.79
C PHE A 309 -15.34 -14.32 -7.77
N LEU A 310 -14.61 -13.39 -7.15
CA LEU A 310 -14.92 -11.97 -7.18
C LEU A 310 -13.72 -11.26 -7.78
N TRP A 311 -13.89 -10.70 -8.97
CA TRP A 311 -12.80 -10.13 -9.75
C TRP A 311 -13.07 -8.65 -9.97
N VAL A 312 -12.16 -7.81 -9.49
CA VAL A 312 -12.26 -6.36 -9.64
C VAL A 312 -11.64 -6.01 -10.98
N VAL A 313 -12.46 -5.50 -11.91
CA VAL A 313 -11.96 -5.02 -13.20
C VAL A 313 -12.40 -3.57 -13.33
N ARG A 314 -11.44 -2.66 -13.15
CA ARG A 314 -11.71 -1.23 -13.22
C ARG A 314 -12.41 -0.86 -14.52
N GLU A 315 -13.25 0.18 -14.45
CA GLU A 315 -14.04 0.61 -15.60
C GLU A 315 -13.18 0.80 -16.84
N GLU A 316 -12.05 1.49 -16.69
CA GLU A 316 -11.20 1.72 -17.84
C GLU A 316 -10.55 0.45 -18.36
N GLU A 317 -10.55 -0.65 -17.60
CA GLU A 317 -9.95 -1.90 -18.06
C GLU A 317 -10.96 -2.88 -18.66
N ARG A 318 -12.25 -2.54 -18.64
CA ARG A 318 -13.26 -3.52 -19.05
C ARG A 318 -13.10 -3.94 -20.49
N THR A 319 -12.65 -3.03 -21.38
CA THR A 319 -12.54 -3.37 -22.80
C THR A 319 -11.39 -4.35 -23.09
N LYS A 320 -10.46 -4.55 -22.16
CA LYS A 320 -9.43 -5.57 -22.35
C LYS A 320 -9.93 -6.96 -22.02
N LEU A 321 -11.13 -7.08 -21.45
CA LEU A 321 -11.71 -8.37 -21.16
C LEU A 321 -12.02 -9.09 -22.47
N PRO A 322 -12.03 -10.41 -22.47
CA PRO A 322 -12.43 -11.14 -23.69
C PRO A 322 -13.84 -10.75 -24.10
N ASN A 323 -14.02 -10.53 -25.40
CA ASN A 323 -15.33 -10.16 -25.91
C ASN A 323 -16.42 -11.18 -25.56
N CYS A 324 -16.03 -12.39 -25.11
CA CYS A 324 -16.97 -13.35 -24.51
C CYS A 324 -17.96 -12.67 -23.59
N LEU A 325 -17.46 -11.86 -22.66
CA LEU A 325 -18.29 -11.13 -21.73
C LEU A 325 -18.76 -9.81 -22.34
N SER A 336 -21.20 -2.08 -15.28
CA SER A 336 -20.90 -1.68 -13.92
C SER A 336 -20.54 -2.89 -13.05
N SER A 337 -21.28 -3.98 -13.28
CA SER A 337 -21.00 -5.27 -12.67
C SER A 337 -21.68 -6.34 -13.52
N GLU A 338 -21.23 -7.59 -13.36
CA GLU A 338 -21.72 -8.67 -14.19
C GLU A 338 -21.65 -9.99 -13.40
N SER A 339 -22.71 -10.77 -13.49
CA SER A 339 -22.81 -12.03 -12.77
C SER A 339 -22.67 -13.21 -13.72
N PHE A 340 -22.06 -14.29 -13.22
CA PHE A 340 -21.75 -15.47 -14.02
C PHE A 340 -22.02 -16.75 -13.26
N THR A 341 -22.49 -17.75 -13.99
CA THR A 341 -22.33 -19.14 -13.59
C THR A 341 -21.19 -19.72 -14.41
N THR A 342 -20.21 -20.31 -13.73
CA THR A 342 -18.99 -20.73 -14.40
C THR A 342 -19.15 -22.12 -15.01
N ALA A 343 -18.21 -22.47 -15.88
CA ALA A 343 -18.22 -23.79 -16.50
C ALA A 343 -18.03 -24.90 -15.47
N ALA A 344 -17.62 -24.58 -14.25
CA ALA A 344 -17.55 -25.55 -13.18
C ALA A 344 -18.79 -25.54 -12.30
N GLY A 345 -19.84 -24.82 -12.71
CA GLY A 345 -21.04 -24.68 -11.89
C GLY A 345 -20.94 -23.70 -10.74
N LYS A 346 -19.88 -22.90 -10.64
CA LYS A 346 -19.72 -21.96 -9.54
C LYS A 346 -20.27 -20.59 -9.97
N LEU A 347 -20.04 -19.57 -9.16
CA LEU A 347 -20.54 -18.23 -9.44
C LEU A 347 -19.42 -17.20 -9.46
N GLY A 348 -19.51 -16.26 -10.37
CA GLY A 348 -18.54 -15.20 -10.46
C GLY A 348 -19.21 -13.85 -10.52
N LEU A 349 -18.51 -12.86 -10.00
CA LEU A 349 -18.96 -11.48 -10.08
C LEU A 349 -17.77 -10.64 -10.53
N ILE A 350 -17.96 -9.88 -11.61
CA ILE A 350 -16.99 -8.90 -12.06
C ILE A 350 -17.55 -7.51 -11.74
N ILE A 351 -16.77 -6.72 -11.03
CA ILE A 351 -17.22 -5.45 -10.48
C ILE A 351 -16.08 -4.45 -10.62
N ASN A 352 -16.43 -3.16 -10.72
CA ASN A 352 -15.43 -2.16 -11.03
C ASN A 352 -14.62 -1.71 -9.81
N TRP A 353 -15.05 -2.05 -8.60
CA TRP A 353 -14.39 -1.68 -7.36
C TRP A 353 -15.14 -2.34 -6.22
N CYS A 354 -14.47 -2.48 -5.07
CA CYS A 354 -15.01 -3.23 -3.95
C CYS A 354 -14.38 -2.71 -2.67
N PRO A 355 -15.01 -2.91 -1.51
CA PRO A 355 -14.36 -2.54 -0.25
C PRO A 355 -13.33 -3.60 0.11
N GLN A 356 -12.08 -3.42 -0.35
CA GLN A 356 -11.17 -4.55 -0.37
C GLN A 356 -10.92 -5.11 1.03
N LEU A 357 -10.77 -4.24 2.02
CA LEU A 357 -10.49 -4.71 3.37
C LEU A 357 -11.64 -5.55 3.92
N ASP A 358 -12.88 -5.14 3.64
CA ASP A 358 -14.03 -5.95 4.06
C ASP A 358 -14.11 -7.25 3.28
N VAL A 359 -13.78 -7.22 1.98
CA VAL A 359 -13.78 -8.45 1.21
C VAL A 359 -12.78 -9.44 1.82
N LEU A 360 -11.55 -8.98 2.05
CA LEU A 360 -10.50 -9.85 2.57
C LEU A 360 -10.87 -10.46 3.91
N ARG A 361 -11.61 -9.75 4.75
CA ARG A 361 -11.99 -10.30 6.05
C ARG A 361 -13.26 -11.13 6.00
N HIS A 362 -13.85 -11.34 4.82
CA HIS A 362 -15.10 -12.08 4.75
C HIS A 362 -14.83 -13.59 4.73
N GLU A 363 -15.57 -14.32 5.58
CA GLU A 363 -15.39 -15.76 5.73
C GLU A 363 -15.49 -16.52 4.40
N SER A 364 -16.19 -15.96 3.42
CA SER A 364 -16.30 -16.64 2.14
C SER A 364 -14.96 -16.68 1.38
N VAL A 365 -13.98 -15.84 1.72
CA VAL A 365 -12.80 -15.71 0.87
C VAL A 365 -11.79 -16.81 1.20
N ALA A 366 -11.38 -17.55 0.16
CA ALA A 366 -10.36 -18.58 0.30
C ALA A 366 -8.97 -18.05 0.05
N CYS A 367 -8.78 -17.19 -0.95
CA CYS A 367 -7.45 -16.69 -1.23
C CYS A 367 -7.57 -15.44 -2.08
N PHE A 368 -6.42 -14.82 -2.34
CA PHE A 368 -6.35 -13.48 -2.89
C PHE A 368 -5.33 -13.55 -4.03
N MET A 369 -5.83 -13.49 -5.26
CA MET A 369 -4.95 -13.34 -6.42
C MET A 369 -4.68 -11.85 -6.61
N THR A 370 -3.44 -11.44 -6.35
CA THR A 370 -3.10 -10.04 -6.15
C THR A 370 -1.87 -9.68 -6.96
N HIS A 371 -1.80 -8.42 -7.37
CA HIS A 371 -0.60 -7.90 -8.00
C HIS A 371 0.50 -7.58 -6.98
N CYS A 372 0.22 -7.78 -5.68
CA CYS A 372 1.22 -7.65 -4.62
C CYS A 372 1.64 -6.22 -4.37
N GLY A 373 0.80 -5.24 -4.68
CA GLY A 373 0.99 -3.93 -4.08
C GLY A 373 1.12 -4.04 -2.58
N TRP A 374 1.81 -3.07 -1.95
CA TRP A 374 2.09 -3.24 -0.53
C TRP A 374 0.82 -3.14 0.32
N ASN A 375 -0.09 -2.22 -0.01
CA ASN A 375 -1.31 -2.17 0.81
C ASN A 375 -2.09 -3.46 0.67
N SER A 376 -2.25 -3.96 -0.57
CA SER A 376 -2.93 -5.24 -0.77
C SER A 376 -2.25 -6.35 0.03
N THR A 377 -0.93 -6.44 -0.08
CA THR A 377 -0.16 -7.45 0.64
C THR A 377 -0.39 -7.35 2.14
N LEU A 378 -0.22 -6.15 2.70
CA LEU A 378 -0.35 -5.98 4.15
C LEU A 378 -1.81 -6.13 4.60
N GLU A 379 -2.76 -5.69 3.77
CA GLU A 379 -4.16 -5.90 4.14
C GLU A 379 -4.49 -7.39 4.20
N ALA A 380 -3.96 -8.17 3.23
CA ALA A 380 -4.21 -9.61 3.24
C ALA A 380 -3.56 -10.25 4.46
N ILE A 381 -2.35 -9.81 4.82
CA ILE A 381 -1.69 -10.30 6.03
C ILE A 381 -2.56 -10.04 7.25
N SER A 382 -3.05 -8.81 7.40
CA SER A 382 -3.85 -8.47 8.56
C SER A 382 -5.19 -9.18 8.56
N SER A 383 -5.53 -9.88 7.48
CA SER A 383 -6.79 -10.57 7.38
C SER A 383 -6.63 -12.09 7.40
N GLY A 384 -5.40 -12.58 7.31
CA GLY A 384 -5.16 -14.01 7.31
C GLY A 384 -5.50 -14.71 6.02
N VAL A 385 -5.33 -14.05 4.88
CA VAL A 385 -5.74 -14.61 3.59
C VAL A 385 -4.49 -14.96 2.79
N PRO A 386 -4.29 -16.22 2.41
CA PRO A 386 -3.16 -16.57 1.54
C PRO A 386 -3.34 -16.03 0.12
N MET A 387 -2.21 -15.96 -0.61
CA MET A 387 -2.15 -15.20 -1.85
C MET A 387 -1.60 -16.01 -3.01
N ILE A 388 -2.11 -15.71 -4.19
CA ILE A 388 -1.47 -16.03 -5.45
C ILE A 388 -0.90 -14.73 -5.99
N CYS A 389 0.43 -14.70 -6.16
CA CYS A 389 1.17 -13.48 -6.49
C CYS A 389 1.37 -13.38 -7.99
N VAL A 390 0.81 -12.33 -8.60
CA VAL A 390 0.98 -11.98 -10.00
C VAL A 390 1.56 -10.56 -10.09
N PRO A 391 2.80 -10.35 -9.64
CA PRO A 391 3.30 -8.97 -9.53
C PRO A 391 3.57 -8.35 -10.90
N GLN A 392 3.43 -7.03 -10.98
CA GLN A 392 3.65 -6.34 -12.25
C GLN A 392 4.91 -5.48 -12.24
N TRP A 393 5.10 -4.55 -11.30
CA TRP A 393 6.32 -3.74 -11.36
C TRP A 393 6.59 -3.05 -10.03
N VAL A 394 7.66 -2.24 -10.01
CA VAL A 394 8.18 -1.60 -8.80
C VAL A 394 8.26 -2.63 -7.66
N ASP A 395 7.69 -2.30 -6.49
CA ASP A 395 7.92 -3.14 -5.32
C ASP A 395 7.19 -4.47 -5.36
N GLN A 396 6.27 -4.69 -6.30
CA GLN A 396 5.44 -5.89 -6.27
C GLN A 396 6.25 -7.16 -6.48
N THR A 397 7.33 -7.11 -7.28
CA THR A 397 8.18 -8.29 -7.43
C THR A 397 8.87 -8.66 -6.11
N THR A 398 9.45 -7.68 -5.42
CA THR A 398 10.09 -7.95 -4.14
C THR A 398 9.08 -8.45 -3.10
N ASN A 399 7.91 -7.81 -3.05
CA ASN A 399 6.88 -8.24 -2.11
C ASN A 399 6.48 -9.70 -2.35
N ALA A 400 6.35 -10.10 -3.61
CA ALA A 400 5.98 -11.48 -3.93
C ALA A 400 7.07 -12.45 -3.49
N LYS A 401 8.34 -12.04 -3.63
CA LYS A 401 9.45 -12.84 -3.09
C LYS A 401 9.26 -13.08 -1.61
N PHE A 402 8.93 -12.02 -0.86
CA PHE A 402 8.77 -12.20 0.58
C PHE A 402 7.51 -12.98 0.91
N ILE A 403 6.41 -12.72 0.19
CA ILE A 403 5.17 -13.46 0.42
C ILE A 403 5.40 -14.96 0.27
N GLN A 404 6.13 -15.38 -0.77
CA GLN A 404 6.26 -16.82 -1.00
C GLN A 404 7.31 -17.44 -0.10
N ASP A 405 8.51 -16.84 -0.05
CA ASP A 405 9.67 -17.52 0.50
C ASP A 405 10.03 -17.10 1.92
N VAL A 406 9.54 -15.98 2.42
CA VAL A 406 9.92 -15.49 3.75
C VAL A 406 8.78 -15.65 4.73
N TRP A 407 7.68 -14.92 4.53
CA TRP A 407 6.48 -15.08 5.33
C TRP A 407 5.71 -16.36 5.01
N LYS A 408 5.95 -16.94 3.82
CA LYS A 408 5.37 -18.23 3.42
C LYS A 408 3.84 -18.23 3.51
N ILE A 409 3.21 -17.26 2.86
CA ILE A 409 1.76 -17.11 2.89
C ILE A 409 1.22 -16.99 1.49
N GLY A 410 1.99 -17.42 0.50
CA GLY A 410 1.52 -17.35 -0.87
C GLY A 410 2.44 -18.12 -1.80
N VAL A 411 2.01 -18.19 -3.06
CA VAL A 411 2.78 -18.78 -4.15
C VAL A 411 2.86 -17.76 -5.28
N ARG A 412 4.06 -17.57 -5.85
CA ARG A 412 4.25 -16.66 -6.96
C ARG A 412 4.13 -17.39 -8.29
N VAL A 413 3.38 -16.81 -9.24
CA VAL A 413 3.25 -17.43 -10.56
C VAL A 413 4.59 -17.30 -11.31
N ASN A 414 4.76 -18.16 -12.30
CA ASN A 414 5.90 -18.12 -13.20
C ASN A 414 5.44 -17.63 -14.56
N ASN A 415 6.08 -16.59 -15.06
CA ASN A 415 5.71 -15.99 -16.35
C ASN A 415 5.80 -17.00 -17.52
N ASN A 417 7.95 -17.08 -20.28
CA ASN A 417 9.34 -16.97 -20.74
C ASN A 417 10.26 -16.40 -19.65
N GLY A 418 9.92 -16.67 -18.39
CA GLY A 418 10.70 -16.18 -17.27
C GLY A 418 10.52 -14.70 -17.02
N GLY A 421 7.59 -9.58 -17.24
CA GLY A 421 6.92 -9.17 -18.46
C GLY A 421 6.29 -10.29 -19.28
N GLY A 422 6.67 -11.53 -19.00
CA GLY A 422 6.13 -12.64 -19.75
C GLY A 422 4.69 -12.93 -19.39
N LEU A 423 3.96 -13.50 -20.35
CA LEU A 423 2.59 -13.91 -20.11
C LEU A 423 2.54 -14.99 -19.04
N VAL A 424 1.52 -14.93 -18.18
CA VAL A 424 1.23 -16.00 -17.24
C VAL A 424 0.06 -16.81 -17.78
N LYS A 425 0.30 -18.07 -18.10
CA LYS A 425 -0.66 -18.89 -18.80
C LYS A 425 -1.73 -19.42 -17.84
N LYS A 426 -2.89 -19.75 -18.41
CA LYS A 426 -4.00 -20.21 -17.58
C LYS A 426 -3.63 -21.48 -16.81
N GLU A 427 -2.82 -22.35 -17.41
CA GLU A 427 -2.40 -23.55 -16.72
C GLU A 427 -1.51 -23.23 -15.52
N GLU A 428 -0.70 -22.17 -15.61
CA GLU A 428 0.10 -21.75 -14.47
C GLU A 428 -0.78 -21.21 -13.34
N ILE A 429 -1.75 -20.35 -13.68
CA ILE A 429 -2.66 -19.82 -12.65
C ILE A 429 -3.39 -20.95 -11.96
N GLU A 430 -3.94 -21.87 -12.76
CA GLU A 430 -4.59 -23.09 -12.29
C GLU A 430 -3.67 -23.89 -11.36
N ARG A 431 -2.40 -24.06 -11.74
CA ARG A 431 -1.46 -24.71 -10.82
C ARG A 431 -1.40 -23.99 -9.47
N CYS A 432 -1.37 -22.66 -9.47
CA CYS A 432 -1.23 -21.92 -8.23
C CYS A 432 -2.52 -21.93 -7.40
N ILE A 433 -3.69 -22.00 -8.04
CA ILE A 433 -4.94 -22.12 -7.30
C ILE A 433 -4.99 -23.47 -6.60
N LYS A 434 -4.71 -24.56 -7.33
CA LYS A 434 -4.76 -25.88 -6.73
C LYS A 434 -3.77 -25.99 -5.58
N GLU A 435 -2.60 -25.37 -5.70
CA GLU A 435 -1.63 -25.41 -4.62
C GLU A 435 -2.14 -24.65 -3.39
N VAL A 436 -2.68 -23.45 -3.60
CA VAL A 436 -3.06 -22.66 -2.42
C VAL A 436 -4.35 -23.20 -1.82
N CYS A 437 -5.32 -23.57 -2.65
CA CYS A 437 -6.66 -23.90 -2.19
C CYS A 437 -6.96 -25.40 -2.19
N GLU A 438 -6.13 -26.23 -2.80
CA GLU A 438 -6.52 -27.63 -2.95
C GLU A 438 -5.37 -28.58 -2.64
N SER A 439 -4.47 -28.19 -1.74
CA SER A 439 -3.34 -29.07 -1.39
C SER A 439 -3.02 -28.93 0.09
N GLU A 440 -2.22 -29.87 0.59
CA GLU A 440 -1.78 -29.78 1.97
C GLU A 440 -0.85 -28.60 2.17
N LYS A 441 -0.01 -28.29 1.17
CA LYS A 441 0.78 -27.07 1.22
C LYS A 441 -0.11 -25.83 1.39
N GLY A 442 -1.26 -25.80 0.70
CA GLY A 442 -2.15 -24.68 0.87
C GLY A 442 -2.66 -24.55 2.30
N LYS A 443 -2.92 -25.68 2.95
CA LYS A 443 -3.39 -25.65 4.33
C LYS A 443 -2.35 -25.04 5.25
N GLU A 444 -1.05 -25.27 4.97
CA GLU A 444 -0.03 -24.68 5.82
C GLU A 444 0.14 -23.19 5.55
N LEU A 445 0.10 -22.79 4.27
CA LEU A 445 0.11 -21.37 3.97
C LEU A 445 -1.02 -20.65 4.70
N LYS A 446 -2.20 -21.27 4.77
CA LYS A 446 -3.30 -20.70 5.53
C LYS A 446 -3.00 -20.64 7.02
N ARG A 447 -2.37 -21.68 7.58
CA ARG A 447 -1.93 -21.63 8.97
C ARG A 447 -0.91 -20.50 9.17
N ASN A 448 0.08 -20.41 8.28
CA ASN A 448 1.05 -19.32 8.34
C ASN A 448 0.36 -17.96 8.30
N ALA A 449 -0.67 -17.82 7.48
CA ALA A 449 -1.29 -16.51 7.34
C ALA A 449 -2.13 -16.14 8.56
N MET A 450 -2.75 -17.12 9.23
CA MET A 450 -3.43 -16.84 10.48
C MET A 450 -2.43 -16.48 11.59
N LYS A 451 -1.25 -17.10 11.58
CA LYS A 451 -0.22 -16.73 12.54
C LYS A 451 0.23 -15.29 12.31
N TRP A 452 0.52 -14.92 11.05
CA TRP A 452 0.91 -13.52 10.79
C TRP A 452 -0.26 -12.57 11.05
N LYS A 453 -1.49 -13.02 10.84
CA LYS A 453 -2.65 -12.18 11.17
C LYS A 453 -2.66 -11.85 12.66
N ASP A 454 -2.52 -12.85 13.52
CA ASP A 454 -2.48 -12.59 14.96
C ASP A 454 -1.34 -11.64 15.32
N LEU A 455 -0.18 -11.82 14.70
CA LEU A 455 0.97 -10.96 15.01
C LEU A 455 0.73 -9.52 14.54
N SER A 456 0.07 -9.33 13.41
CA SER A 456 -0.22 -7.96 13.03
C SER A 456 -1.25 -7.33 13.96
N LYS A 457 -2.19 -8.12 14.46
CA LYS A 457 -3.14 -7.55 15.42
C LYS A 457 -2.44 -7.20 16.73
N GLU A 458 -1.56 -8.06 17.22
CA GLU A 458 -0.82 -7.72 18.44
C GLU A 458 0.06 -6.49 18.24
N ALA A 459 0.54 -6.24 17.01
CA ALA A 459 1.46 -5.12 16.80
C ALA A 459 0.77 -3.79 17.07
N VAL A 460 -0.50 -3.67 16.69
CA VAL A 460 -1.25 -2.42 16.77
C VAL A 460 -2.16 -2.37 18.00
N SER A 461 -2.17 -3.41 18.83
CA SER A 461 -2.86 -3.41 20.11
C SER A 461 -1.97 -2.84 21.21
N GLU A 462 -2.59 -2.56 22.36
CA GLU A 462 -1.88 -1.95 23.48
C GLU A 462 -0.63 -2.76 23.83
N GLY A 463 0.49 -2.06 24.01
CA GLY A 463 1.74 -2.72 24.28
C GLY A 463 2.46 -3.27 23.06
N GLY A 464 1.80 -3.31 21.89
CA GLY A 464 2.44 -3.81 20.70
C GLY A 464 3.42 -2.80 20.08
N SER A 465 4.33 -3.34 19.26
CA SER A 465 5.41 -2.54 18.73
C SER A 465 4.89 -1.33 17.94
N SER A 466 3.85 -1.52 17.15
CA SER A 466 3.34 -0.43 16.31
C SER A 466 2.56 0.58 17.14
N ASP A 467 1.77 0.09 18.09
CA ASP A 467 1.09 1.00 19.02
C ASP A 467 2.09 1.85 19.76
N THR A 468 3.20 1.24 20.22
CA THR A 468 4.24 1.97 20.93
C THR A 468 4.89 3.03 20.05
N ASN A 469 5.22 2.69 18.81
CA ASN A 469 5.90 3.67 17.95
C ASN A 469 4.96 4.82 17.57
N LEU A 470 3.68 4.50 17.33
CA LEU A 470 2.70 5.55 17.03
C LEU A 470 2.50 6.48 18.22
N GLU A 471 2.52 5.92 19.44
CA GLU A 471 2.41 6.73 20.65
C GLU A 471 3.67 7.56 20.88
N TYR A 472 4.85 7.00 20.55
CA TYR A 472 6.05 7.82 20.60
C TYR A 472 5.89 9.04 19.71
N PHE A 473 5.37 8.84 18.50
CA PHE A 473 5.09 9.95 17.60
C PHE A 473 4.14 10.95 18.25
N ALA A 474 2.97 10.47 18.71
CA ALA A 474 1.95 11.35 19.28
C ALA A 474 2.48 12.08 20.52
N SER A 475 3.12 11.34 21.43
CA SER A 475 3.55 11.91 22.70
C SER A 475 4.64 12.96 22.51
N THR A 476 5.60 12.70 21.62
CA THR A 476 6.69 13.67 21.44
C THR A 476 6.22 14.90 20.68
N LEU A 477 5.17 14.78 19.86
CA LEU A 477 4.57 15.98 19.26
C LEU A 477 4.10 16.95 20.34
N LEU A 478 3.73 16.44 21.51
CA LEU A 478 3.22 17.30 22.58
C LEU A 478 4.34 18.03 23.35
N PHE A 479 5.59 17.60 23.23
CA PHE A 479 6.70 18.10 24.06
C PHE A 479 7.01 19.59 23.86
N1 UPG B . -8.52 -1.26 -3.19
C2 UPG B . -9.86 -1.13 -2.87
N3 UPG B . -10.72 -1.77 -3.72
C4 UPG B . -10.39 -2.52 -4.84
C5 UPG B . -8.99 -2.60 -5.10
C6 UPG B . -8.11 -1.98 -4.28
O2 UPG B . -10.25 -0.50 -1.90
O4 UPG B . -11.29 -3.04 -5.50
C1C UPG B . -7.56 -0.58 -2.30
C2C UPG B . -6.74 -1.56 -1.45
O2C UPG B . -7.49 -1.92 -0.31
C3C UPG B . -5.49 -0.71 -1.16
C4C UPG B . -5.30 0.05 -2.49
O4C UPG B . -6.63 0.15 -3.08
O3C UPG B . -5.68 0.20 -0.09
C5C UPG B . -4.38 -0.61 -3.49
O5C UPG B . -3.04 -0.29 -3.11
PA UPG B . -1.82 -1.27 -3.44
O1A UPG B . -2.20 -2.68 -3.11
O2A UPG B . -0.59 -0.73 -2.80
O3A UPG B . -1.68 -1.10 -5.03
PB UPG B . -1.49 0.12 -6.06
O1B UPG B . -2.85 0.68 -6.36
O2B UPG B . -0.79 -0.46 -7.26
O3B UPG B . -0.52 1.16 -5.27
C1' UPG B . 0.74 1.76 -5.64
C2' UPG B . 1.73 0.76 -6.29
C3' UPG B . 2.06 -0.34 -5.27
C4' UPG B . 2.68 0.31 -4.04
C5' UPG B . 1.70 1.34 -3.49
C6' UPG B . 2.19 2.07 -2.25
O2' UPG B . 1.30 0.36 -7.59
O3' UPG B . 2.93 -1.32 -5.83
O4' UPG B . 2.89 -0.66 -3.02
O5' UPG B . 1.40 2.33 -4.51
O6' UPG B . 3.43 2.77 -2.44
#